data_5KH8
#
_entry.id   5KH8
#
_entity_poly.entity_id   1
_entity_poly.type   'polyribonucleotide'
_entity_poly.pdbx_seq_one_letter_code
;GGCGAUGGUGUUCGCCAUAAACGCUCUUCGGAGCUAAUGACACCUAC
;
_entity_poly.pdbx_strand_id   A
#